data_7ODM
#
_entry.id   7ODM
#
_cell.length_a   112.611
_cell.length_b   112.611
_cell.length_c   103.646
_cell.angle_alpha   90.000
_cell.angle_beta   90.000
_cell.angle_gamma   90.000
#
_symmetry.space_group_name_H-M   'I 41 2 2'
#
loop_
_entity.id
_entity.type
_entity.pdbx_description
1 polymer 'Glutathione transferase'
2 non-polymer GLUTATHIONE
3 water water
#
_entity_poly.entity_id   1
_entity_poly.type   'polypeptide(L)'
_entity_poly.pdbx_seq_one_letter_code
;MAPVKVFGPAMSTNVARVTLCLEEVGAEYEVVNIDFNTMEHKSPEHLARNPFGQIPAFQDGDLLLWESRAISKYVLRKYK
TDEVDLLRESNLEEAAMVDVWTEVDAHTYNPALSPIVSQCLFNPMMRGLPTDEKVVAESLEKLKKVLEVYEARLSKHSYL
AGDFVSFADLNHFPYTFYFMATPHAALFDSYPHVKAWWDRLMARPAVKKIAATMVPPKA
;
_entity_poly.pdbx_strand_id   AAA
#
loop_
_chem_comp.id
_chem_comp.type
_chem_comp.name
_chem_comp.formula
GSH non-polymer GLUTATHIONE 'C10 H17 N3 O6 S'
#
# COMPACT_ATOMS: atom_id res chain seq x y z
N ALA A 2 -19.75 -2.96 -16.83
CA ALA A 2 -19.82 -3.00 -15.32
C ALA A 2 -18.56 -2.35 -14.72
N PRO A 3 -18.68 -1.70 -13.52
CA PRO A 3 -17.57 -1.51 -12.62
C PRO A 3 -17.26 -2.80 -11.87
N VAL A 4 -16.16 -2.69 -11.14
CA VAL A 4 -15.56 -3.77 -10.33
C VAL A 4 -15.60 -3.27 -8.89
N LYS A 5 -15.55 -4.22 -7.97
CA LYS A 5 -16.00 -4.08 -6.57
C LYS A 5 -14.82 -4.43 -5.67
N VAL A 6 -14.52 -3.51 -4.76
CA VAL A 6 -13.48 -3.64 -3.71
C VAL A 6 -14.22 -3.73 -2.39
N PHE A 7 -14.05 -4.83 -1.66
CA PHE A 7 -14.70 -5.03 -0.32
C PHE A 7 -13.67 -4.80 0.77
N GLY A 8 -13.86 -3.75 1.56
CA GLY A 8 -13.35 -3.57 2.93
C GLY A 8 -13.59 -2.12 3.34
N PRO A 9 -13.12 -1.65 4.51
CA PRO A 9 -13.24 -0.24 4.86
C PRO A 9 -12.22 0.54 4.02
N ALA A 10 -12.49 1.79 3.67
CA ALA A 10 -11.63 2.59 2.73
C ALA A 10 -10.33 3.08 3.41
N MET A 11 -10.45 3.52 4.69
CA MET A 11 -9.42 3.71 5.75
C MET A 11 -8.32 2.63 5.65
N SER A 12 -8.62 1.37 5.31
CA SER A 12 -7.70 0.20 5.43
C SER A 12 -6.57 0.29 4.41
N THR A 13 -5.37 -0.11 4.81
CA THR A 13 -4.14 -0.06 3.99
C THR A 13 -4.21 -0.98 2.78
N ASN A 14 -4.70 -2.22 2.93
CA ASN A 14 -4.62 -3.13 1.77
C ASN A 14 -5.76 -2.85 0.81
N VAL A 15 -6.83 -2.21 1.28
CA VAL A 15 -7.89 -1.64 0.40
C VAL A 15 -7.20 -0.58 -0.47
N ALA A 16 -6.63 0.45 0.18
CA ALA A 16 -5.91 1.59 -0.49
C ALA A 16 -4.89 1.10 -1.52
N ARG A 17 -4.10 0.06 -1.27
CA ARG A 17 -3.21 -0.53 -2.34
C ARG A 17 -4.01 -0.66 -3.68
N VAL A 18 -5.10 -1.45 -3.62
CA VAL A 18 -6.12 -1.76 -4.68
C VAL A 18 -6.77 -0.48 -5.23
N THR A 19 -7.30 0.41 -4.37
CA THR A 19 -8.04 1.63 -4.79
C THR A 19 -7.08 2.56 -5.53
N LEU A 20 -5.90 2.83 -4.96
CA LEU A 20 -4.86 3.60 -5.65
C LEU A 20 -4.61 3.01 -7.01
N CYS A 21 -4.34 1.72 -7.10
CA CYS A 21 -4.09 1.13 -8.43
C CYS A 21 -5.28 1.39 -9.39
N LEU A 22 -6.53 1.34 -8.91
CA LEU A 22 -7.73 1.62 -9.77
C LEU A 22 -7.71 3.08 -10.24
N GLU A 23 -7.31 4.01 -9.38
CA GLU A 23 -7.36 5.47 -9.66
C GLU A 23 -6.30 5.78 -10.71
N GLU A 24 -5.17 5.09 -10.62
CA GLU A 24 -3.95 5.38 -11.42
C GLU A 24 -4.18 4.98 -12.86
N VAL A 25 -5.07 4.03 -13.01
CA VAL A 25 -5.24 3.30 -14.27
C VAL A 25 -6.57 3.77 -14.89
N GLY A 26 -7.40 4.53 -14.17
CA GLY A 26 -8.59 5.19 -14.75
C GLY A 26 -9.84 4.30 -14.74
N ALA A 27 -9.99 3.44 -13.74
CA ALA A 27 -11.03 2.37 -13.77
C ALA A 27 -12.32 2.80 -13.06
N GLU A 28 -13.44 2.34 -13.62
CA GLU A 28 -14.74 2.36 -12.95
C GLU A 28 -14.70 1.37 -11.76
N TYR A 29 -14.95 1.82 -10.53
CA TYR A 29 -14.97 0.92 -9.34
C TYR A 29 -15.88 1.47 -8.23
N GLU A 30 -16.27 0.55 -7.32
CA GLU A 30 -17.20 0.75 -6.18
C GLU A 30 -16.53 0.18 -4.92
N VAL A 31 -16.59 0.87 -3.78
CA VAL A 31 -16.06 0.32 -2.52
C VAL A 31 -17.23 -0.04 -1.59
N VAL A 32 -17.35 -1.33 -1.30
CA VAL A 32 -18.36 -1.97 -0.43
C VAL A 32 -17.75 -2.12 0.97
N ASN A 33 -18.27 -1.39 1.96
CA ASN A 33 -17.67 -1.46 3.32
C ASN A 33 -17.70 -2.89 3.81
N ILE A 34 -16.81 -3.22 4.75
CA ILE A 34 -17.00 -4.44 5.59
C ILE A 34 -16.67 -4.11 7.06
N ASP A 35 -17.58 -4.48 7.94
CA ASP A 35 -17.69 -3.90 9.29
C ASP A 35 -17.00 -4.87 10.26
N PHE A 36 -15.69 -4.77 10.38
CA PHE A 36 -14.88 -5.52 11.38
C PHE A 36 -15.60 -5.73 12.71
N ASN A 37 -16.22 -4.65 13.17
CA ASN A 37 -16.89 -4.59 14.47
C ASN A 37 -18.03 -5.61 14.54
N THR A 38 -18.58 -6.11 13.43
CA THR A 38 -19.68 -7.12 13.51
C THR A 38 -19.28 -8.37 12.75
N MET A 39 -17.99 -8.53 12.55
CA MET A 39 -17.42 -9.82 12.11
C MET A 39 -17.81 -10.07 10.66
N GLU A 40 -18.20 -9.06 9.90
CA GLU A 40 -18.63 -9.23 8.48
C GLU A 40 -17.53 -9.92 7.69
N HIS A 41 -16.25 -9.68 8.01
CA HIS A 41 -15.08 -10.23 7.30
C HIS A 41 -15.12 -11.75 7.51
N LYS A 42 -15.73 -12.26 8.56
CA LYS A 42 -15.78 -13.73 8.81
C LYS A 42 -17.14 -14.32 8.42
N SER A 43 -18.07 -13.45 8.01
CA SER A 43 -19.46 -13.81 7.66
C SER A 43 -19.40 -14.73 6.44
N PRO A 44 -20.45 -15.56 6.18
CA PRO A 44 -20.37 -16.45 5.02
C PRO A 44 -20.38 -15.74 3.67
N GLU A 45 -21.04 -14.59 3.55
CA GLU A 45 -21.06 -13.82 2.29
C GLU A 45 -19.59 -13.58 1.95
N HIS A 46 -18.86 -13.01 2.91
CA HIS A 46 -17.47 -12.58 2.65
C HIS A 46 -16.59 -13.82 2.45
N LEU A 47 -16.85 -14.96 3.08
CA LEU A 47 -15.97 -16.18 2.94
C LEU A 47 -16.05 -16.75 1.51
N ALA A 48 -17.13 -16.47 0.82
CA ALA A 48 -17.27 -16.85 -0.60
C ALA A 48 -16.36 -15.97 -1.47
N ARG A 49 -15.88 -14.83 -0.99
CA ARG A 49 -14.90 -13.92 -1.68
C ARG A 49 -13.46 -14.32 -1.32
N ASN A 50 -13.22 -14.31 -0.01
CA ASN A 50 -11.97 -14.74 0.64
C ASN A 50 -12.26 -15.84 1.65
N PRO A 51 -11.91 -17.10 1.36
CA PRO A 51 -12.09 -18.24 2.26
C PRO A 51 -11.42 -18.12 3.63
N PHE A 52 -10.36 -17.26 3.71
CA PHE A 52 -9.62 -16.92 4.94
C PHE A 52 -10.22 -15.76 5.73
N GLY A 53 -11.28 -15.14 5.27
CA GLY A 53 -12.08 -14.26 6.17
C GLY A 53 -11.36 -12.95 6.45
N GLN A 54 -10.72 -12.36 5.43
CA GLN A 54 -9.91 -11.10 5.54
C GLN A 54 -10.23 -10.17 4.38
N ILE A 55 -10.01 -8.88 4.59
CA ILE A 55 -10.21 -7.81 3.56
C ILE A 55 -8.83 -7.43 3.08
N PRO A 56 -8.66 -6.97 1.83
CA PRO A 56 -9.77 -6.79 0.91
C PRO A 56 -10.11 -8.07 0.12
N ALA A 57 -11.30 -8.06 -0.49
CA ALA A 57 -11.69 -8.92 -1.62
C ALA A 57 -12.08 -8.00 -2.77
N PHE A 58 -12.13 -8.58 -3.95
CA PHE A 58 -12.43 -7.85 -5.21
C PHE A 58 -13.38 -8.72 -6.03
N GLN A 59 -14.35 -8.11 -6.72
CA GLN A 59 -15.04 -8.86 -7.82
C GLN A 59 -15.16 -8.00 -9.06
N ASP A 60 -14.68 -8.59 -10.14
CA ASP A 60 -14.86 -8.09 -11.51
C ASP A 60 -15.92 -9.00 -12.15
N GLY A 61 -17.20 -8.63 -12.05
CA GLY A 61 -18.35 -9.47 -12.47
C GLY A 61 -18.39 -10.81 -11.73
N ASP A 62 -17.97 -11.92 -12.38
CA ASP A 62 -18.01 -13.32 -11.83
C ASP A 62 -16.64 -13.72 -11.28
N LEU A 63 -15.60 -12.96 -11.55
CA LEU A 63 -14.27 -13.21 -10.96
C LEU A 63 -14.20 -12.65 -9.54
N LEU A 64 -13.85 -13.53 -8.58
CA LEU A 64 -13.63 -13.17 -7.15
C LEU A 64 -12.17 -13.30 -6.77
N LEU A 65 -11.52 -12.20 -6.48
CA LEU A 65 -10.09 -12.22 -6.04
C LEU A 65 -9.96 -11.74 -4.59
N TRP A 66 -8.92 -12.25 -3.93
CA TRP A 66 -8.36 -11.71 -2.66
C TRP A 66 -6.82 -11.61 -2.74
N GLU A 67 -6.20 -11.06 -1.69
CA GLU A 67 -4.76 -10.74 -1.50
C GLU A 67 -4.46 -9.47 -2.28
N SER A 68 -4.53 -8.33 -1.60
CA SER A 68 -4.30 -7.00 -2.26
C SER A 68 -3.23 -7.03 -3.37
N ARG A 69 -2.14 -7.75 -3.24
CA ARG A 69 -1.11 -7.61 -4.33
C ARG A 69 -1.59 -8.26 -5.63
N ALA A 70 -2.28 -9.39 -5.52
CA ALA A 70 -2.81 -10.17 -6.66
C ALA A 70 -3.88 -9.35 -7.34
N ILE A 71 -4.80 -8.82 -6.55
CA ILE A 71 -5.91 -7.95 -7.01
C ILE A 71 -5.25 -6.87 -7.86
N SER A 72 -4.26 -6.19 -7.26
CA SER A 72 -3.58 -4.98 -7.77
C SER A 72 -2.98 -5.32 -9.10
N LYS A 73 -2.30 -6.44 -9.18
CA LYS A 73 -1.66 -6.79 -10.47
C LYS A 73 -2.75 -7.10 -11.49
N TYR A 74 -3.79 -7.90 -11.18
CA TYR A 74 -4.86 -8.13 -12.17
C TYR A 74 -5.40 -6.76 -12.61
N VAL A 75 -5.59 -5.80 -11.69
CA VAL A 75 -6.09 -4.46 -12.12
C VAL A 75 -5.03 -3.81 -13.02
N LEU A 76 -3.74 -4.01 -12.74
CA LEU A 76 -2.73 -3.22 -13.49
C LEU A 76 -2.60 -3.82 -14.87
N ARG A 77 -2.82 -5.13 -15.05
CA ARG A 77 -2.69 -5.74 -16.40
C ARG A 77 -4.00 -5.42 -17.13
N LYS A 78 -5.12 -5.48 -16.44
CA LYS A 78 -6.46 -5.39 -17.07
C LYS A 78 -6.55 -4.03 -17.75
N TYR A 79 -6.35 -2.94 -17.03
CA TYR A 79 -6.65 -1.58 -17.53
C TYR A 79 -5.38 -0.92 -18.12
N LYS A 80 -4.28 -1.68 -18.26
CA LYS A 80 -3.01 -1.17 -18.83
C LYS A 80 -3.33 -0.36 -20.10
N THR A 81 -2.68 0.80 -20.27
CA THR A 81 -2.59 1.59 -21.53
C THR A 81 -1.10 1.64 -21.94
N ASP A 82 -0.76 2.23 -23.08
CA ASP A 82 0.65 2.60 -23.40
C ASP A 82 1.08 3.74 -22.47
N GLU A 83 0.14 4.63 -22.15
CA GLU A 83 0.35 5.79 -21.25
C GLU A 83 0.56 5.34 -19.79
N VAL A 84 0.13 4.15 -19.36
CA VAL A 84 0.16 3.75 -17.91
C VAL A 84 0.50 2.25 -17.78
N ASP A 85 1.76 1.90 -18.09
CA ASP A 85 2.42 0.59 -17.87
C ASP A 85 3.21 0.65 -16.55
N LEU A 86 2.64 0.13 -15.47
CA LEU A 86 3.18 0.22 -14.11
C LEU A 86 3.78 -1.12 -13.65
N LEU A 87 3.72 -2.20 -14.45
CA LEU A 87 4.39 -3.49 -14.08
C LEU A 87 5.49 -3.76 -15.09
N ARG A 88 5.51 -3.03 -16.20
CA ARG A 88 6.62 -3.07 -17.18
C ARG A 88 6.89 -4.49 -17.69
N GLU A 89 5.86 -5.33 -17.91
CA GLU A 89 6.08 -6.75 -18.33
C GLU A 89 6.60 -6.78 -19.77
N SER A 90 6.39 -5.70 -20.50
CA SER A 90 6.96 -5.45 -21.85
C SER A 90 8.49 -5.26 -21.80
N ASN A 91 9.09 -5.08 -20.62
CA ASN A 91 10.57 -5.11 -20.44
C ASN A 91 10.92 -6.05 -19.28
N LEU A 92 11.69 -7.11 -19.55
CA LEU A 92 12.05 -8.13 -18.54
C LEU A 92 12.81 -7.46 -17.41
N GLU A 93 13.98 -6.85 -17.70
CA GLU A 93 14.89 -6.28 -16.69
C GLU A 93 14.07 -5.27 -15.86
N GLU A 94 13.28 -4.41 -16.48
CA GLU A 94 12.46 -3.45 -15.71
C GLU A 94 11.45 -4.27 -14.89
N ALA A 95 10.82 -5.28 -15.47
CA ALA A 95 9.77 -6.02 -14.71
C ALA A 95 10.40 -6.63 -13.45
N ALA A 96 11.66 -7.08 -13.55
CA ALA A 96 12.42 -7.69 -12.43
C ALA A 96 12.55 -6.69 -11.28
N MET A 97 12.82 -5.43 -11.60
CA MET A 97 13.15 -4.42 -10.55
C MET A 97 11.83 -3.87 -10.00
N VAL A 98 10.73 -3.99 -10.71
CA VAL A 98 9.40 -3.87 -10.06
C VAL A 98 9.21 -5.04 -9.06
N ASP A 99 9.50 -6.29 -9.44
CA ASP A 99 9.30 -7.47 -8.53
C ASP A 99 10.19 -7.26 -7.29
N VAL A 100 11.46 -6.96 -7.47
CA VAL A 100 12.38 -6.83 -6.32
C VAL A 100 11.79 -5.83 -5.33
N TRP A 101 11.53 -4.61 -5.76
CA TRP A 101 11.19 -3.56 -4.77
C TRP A 101 9.78 -3.74 -4.17
N THR A 102 8.88 -4.42 -4.90
CA THR A 102 7.55 -4.87 -4.45
C THR A 102 7.76 -5.88 -3.31
N GLU A 103 8.61 -6.89 -3.53
CA GLU A 103 9.07 -7.91 -2.55
C GLU A 103 9.80 -7.24 -1.36
N VAL A 104 10.62 -6.21 -1.59
CA VAL A 104 11.38 -5.51 -0.49
C VAL A 104 10.37 -4.90 0.48
N ASP A 105 9.31 -4.28 -0.07
CA ASP A 105 8.20 -3.65 0.68
C ASP A 105 7.57 -4.73 1.58
N ALA A 106 7.38 -5.91 1.05
CA ALA A 106 6.55 -6.91 1.72
C ALA A 106 7.41 -7.65 2.73
N HIS A 107 8.74 -7.61 2.57
CA HIS A 107 9.61 -8.57 3.33
C HIS A 107 10.64 -7.82 4.18
N THR A 108 10.97 -6.58 3.85
CA THR A 108 11.97 -5.78 4.58
C THR A 108 11.30 -4.55 5.22
N TYR A 109 10.76 -3.66 4.39
CA TYR A 109 10.27 -2.30 4.75
C TYR A 109 9.00 -2.39 5.59
N ASN A 110 7.99 -3.06 5.07
CA ASN A 110 6.70 -3.11 5.79
C ASN A 110 6.86 -3.73 7.16
N PRO A 111 7.55 -4.87 7.31
CA PRO A 111 7.76 -5.48 8.61
C PRO A 111 8.53 -4.65 9.64
N ALA A 112 9.21 -3.60 9.20
CA ALA A 112 9.96 -2.69 10.06
C ALA A 112 9.10 -1.44 10.30
N LEU A 113 8.29 -1.00 9.33
CA LEU A 113 7.45 0.23 9.46
C LEU A 113 6.10 -0.06 10.14
N SER A 114 5.32 -0.99 9.59
CA SER A 114 3.95 -1.34 10.05
C SER A 114 3.87 -1.40 11.57
N PRO A 115 4.74 -2.09 12.32
CA PRO A 115 4.54 -2.25 13.76
C PRO A 115 4.56 -0.94 14.58
N ILE A 116 5.04 0.17 14.00
CA ILE A 116 5.11 1.54 14.59
C ILE A 116 3.77 2.25 14.35
N VAL A 117 3.23 2.06 13.15
CA VAL A 117 1.86 2.45 12.76
C VAL A 117 0.89 1.71 13.65
N SER A 118 1.06 0.40 13.77
CA SER A 118 0.11 -0.53 14.44
C SER A 118 0.39 -0.55 15.94
N GLN A 119 0.70 0.62 16.51
CA GLN A 119 1.22 0.79 17.90
C GLN A 119 1.07 2.24 18.38
N CYS A 120 1.51 3.21 17.58
CA CYS A 120 1.27 4.67 17.82
C CYS A 120 -0.16 5.05 17.35
N LEU A 121 -0.62 4.59 16.17
CA LEU A 121 -1.92 4.97 15.53
C LEU A 121 -2.99 3.85 15.69
N PHE A 122 -2.86 2.66 15.06
CA PHE A 122 -3.89 1.59 14.82
C PHE A 122 -4.14 0.72 16.07
N ASN A 123 -3.48 1.04 17.20
CA ASN A 123 -3.65 0.33 18.50
C ASN A 123 -4.58 1.09 19.42
N PRO A 124 -4.30 2.33 19.92
CA PRO A 124 -5.23 3.01 20.84
C PRO A 124 -6.46 3.63 20.12
N MET A 125 -6.25 4.26 18.95
CA MET A 125 -7.33 4.90 18.14
C MET A 125 -8.27 3.83 17.58
N MET A 126 -7.81 2.61 17.23
CA MET A 126 -8.71 1.55 16.68
C MET A 126 -9.03 0.49 17.77
N ARG A 127 -8.07 -0.34 18.20
CA ARG A 127 -8.30 -1.51 19.11
C ARG A 127 -8.31 -1.09 20.61
N GLY A 128 -8.11 0.19 20.98
CA GLY A 128 -7.96 0.64 22.38
C GLY A 128 -6.94 -0.16 23.21
N LEU A 129 -5.74 -0.46 22.63
CA LEU A 129 -4.64 -1.30 23.20
C LEU A 129 -3.41 -0.43 23.50
N PRO A 130 -2.76 -0.52 24.69
CA PRO A 130 -1.51 0.21 24.96
C PRO A 130 -0.37 0.04 23.93
N THR A 131 0.49 1.07 23.82
CA THR A 131 1.64 1.18 22.86
C THR A 131 2.91 0.56 23.48
N ASP A 132 3.56 -0.38 22.78
CA ASP A 132 4.68 -1.20 23.32
C ASP A 132 5.98 -0.47 22.99
N GLU A 133 6.60 0.24 23.94
CA GLU A 133 7.82 1.03 23.62
C GLU A 133 8.89 0.09 23.08
N LYS A 134 8.98 -1.14 23.63
CA LYS A 134 9.90 -2.26 23.24
C LYS A 134 9.84 -2.42 21.72
N VAL A 135 8.68 -2.76 21.20
CA VAL A 135 8.50 -3.15 19.79
C VAL A 135 8.73 -1.91 18.94
N VAL A 136 8.44 -0.74 19.48
CA VAL A 136 8.51 0.49 18.64
C VAL A 136 9.98 0.85 18.45
N ALA A 137 10.70 1.00 19.57
CA ALA A 137 12.11 1.43 19.60
C ALA A 137 12.87 0.52 18.65
N GLU A 138 12.56 -0.77 18.74
CA GLU A 138 13.21 -1.82 17.95
C GLU A 138 12.88 -1.66 16.47
N SER A 139 11.63 -1.66 16.03
CA SER A 139 11.33 -1.51 14.57
C SER A 139 11.81 -0.16 14.07
N LEU A 140 11.93 0.83 14.94
CA LEU A 140 12.41 2.16 14.52
C LEU A 140 13.90 2.09 14.16
N GLU A 141 14.71 1.46 15.00
CA GLU A 141 16.14 1.21 14.71
C GLU A 141 16.23 0.40 13.42
N LYS A 142 15.37 -0.57 13.27
CA LYS A 142 15.40 -1.50 12.11
C LYS A 142 15.07 -0.68 10.86
N LEU A 143 14.21 0.30 11.00
CA LEU A 143 13.70 1.03 9.82
C LEU A 143 14.73 2.07 9.39
N LYS A 144 15.46 2.66 10.34
CA LYS A 144 16.53 3.65 10.03
C LYS A 144 17.53 3.01 9.05
N LYS A 145 17.91 1.76 9.29
CA LYS A 145 18.89 1.01 8.46
C LYS A 145 18.29 0.64 7.08
N VAL A 146 17.00 0.40 7.01
CA VAL A 146 16.28 0.05 5.76
C VAL A 146 16.27 1.33 4.94
N LEU A 147 15.95 2.45 5.57
CA LEU A 147 15.94 3.76 4.87
C LEU A 147 17.36 4.15 4.43
N GLU A 148 18.41 3.53 4.96
CA GLU A 148 19.81 3.73 4.51
C GLU A 148 19.88 3.20 3.09
N VAL A 149 19.30 2.04 2.86
CA VAL A 149 19.35 1.36 1.53
C VAL A 149 18.45 2.08 0.56
N TYR A 150 17.32 2.56 1.05
CA TYR A 150 16.32 3.30 0.23
C TYR A 150 16.97 4.61 -0.24
N GLU A 151 17.62 5.36 0.66
CA GLU A 151 18.37 6.62 0.37
C GLU A 151 19.37 6.41 -0.78
N ALA A 152 20.21 5.35 -0.67
CA ALA A 152 21.27 5.03 -1.66
C ALA A 152 20.55 4.95 -3.00
N ARG A 153 19.53 4.09 -3.06
CA ARG A 153 18.77 3.79 -4.28
C ARG A 153 18.13 5.06 -4.85
N LEU A 154 17.44 5.80 -4.00
CA LEU A 154 16.62 6.94 -4.48
C LEU A 154 17.50 8.16 -4.70
N SER A 155 18.81 8.04 -4.47
CA SER A 155 19.87 9.03 -4.86
C SER A 155 20.37 8.69 -6.28
N LYS A 156 20.29 7.41 -6.71
CA LYS A 156 20.68 6.92 -8.04
C LYS A 156 19.50 7.01 -9.01
N HIS A 157 18.26 6.92 -8.55
CA HIS A 157 17.06 6.82 -9.42
C HIS A 157 15.91 7.64 -8.80
N SER A 158 15.11 8.28 -9.64
CA SER A 158 13.83 8.96 -9.30
C SER A 158 12.83 8.01 -8.57
N TYR A 159 12.89 6.70 -8.86
CA TYR A 159 11.92 5.73 -8.29
C TYR A 159 12.62 4.40 -8.09
N LEU A 160 11.96 3.49 -7.39
CA LEU A 160 12.63 2.32 -6.79
C LEU A 160 13.08 1.36 -7.89
N ALA A 161 12.39 1.37 -9.03
CA ALA A 161 12.47 0.32 -10.08
C ALA A 161 13.37 0.80 -11.19
N GLY A 162 13.61 2.10 -11.22
CA GLY A 162 14.38 2.83 -12.26
C GLY A 162 13.87 4.26 -12.33
N ASP A 163 13.97 4.89 -13.49
CA ASP A 163 13.51 6.29 -13.68
C ASP A 163 12.03 6.30 -14.15
N PHE A 164 11.17 5.49 -13.57
CA PHE A 164 9.72 5.48 -13.87
C PHE A 164 8.97 5.07 -12.62
N VAL A 165 7.92 5.81 -12.33
CA VAL A 165 6.94 5.40 -11.28
C VAL A 165 6.48 3.97 -11.62
N SER A 166 6.09 3.19 -10.65
CA SER A 166 5.80 1.76 -10.91
C SER A 166 5.04 1.15 -9.73
N PHE A 167 4.68 -0.12 -9.87
CA PHE A 167 3.85 -0.83 -8.86
C PHE A 167 4.66 -0.86 -7.57
N ALA A 168 6.01 -0.97 -7.67
CA ALA A 168 6.93 -0.99 -6.51
C ALA A 168 6.71 0.24 -5.61
N ASP A 169 6.56 1.40 -6.23
CA ASP A 169 6.44 2.69 -5.53
C ASP A 169 5.07 2.74 -4.84
N LEU A 170 4.04 2.32 -5.53
CA LEU A 170 2.63 2.53 -5.10
C LEU A 170 2.38 1.65 -3.88
N ASN A 171 2.94 0.47 -3.89
CA ASN A 171 2.94 -0.46 -2.75
C ASN A 171 3.36 0.22 -1.45
N HIS A 172 4.25 1.21 -1.51
CA HIS A 172 4.90 1.78 -0.32
C HIS A 172 4.00 2.86 0.26
N PHE A 173 3.02 3.30 -0.51
CA PHE A 173 2.18 4.45 -0.14
C PHE A 173 1.27 4.17 1.07
N PRO A 174 0.41 3.14 1.05
CA PRO A 174 -0.62 3.00 2.09
C PRO A 174 -0.10 3.04 3.55
N TYR A 175 0.83 2.14 3.92
CA TYR A 175 1.35 2.12 5.31
C TYR A 175 2.20 3.38 5.58
N THR A 176 2.98 3.84 4.60
CA THR A 176 3.80 5.04 4.81
C THR A 176 2.86 6.21 5.08
N PHE A 177 1.71 6.26 4.42
CA PHE A 177 0.75 7.37 4.62
C PHE A 177 0.47 7.45 6.12
N TYR A 178 0.22 6.31 6.75
CA TYR A 178 -0.18 6.30 8.16
C TYR A 178 1.04 6.54 9.06
N PHE A 179 2.20 6.01 8.69
CA PHE A 179 3.50 6.39 9.31
C PHE A 179 3.58 7.92 9.47
N MET A 180 3.23 8.65 8.40
CA MET A 180 3.35 10.11 8.30
C MET A 180 2.32 10.83 9.17
N ALA A 181 1.28 10.15 9.59
CA ALA A 181 0.37 10.65 10.65
C ALA A 181 0.90 10.43 12.09
N THR A 182 2.02 9.73 12.33
CA THR A 182 2.56 9.48 13.71
C THR A 182 3.50 10.62 14.07
N PRO A 183 4.00 10.67 15.32
CA PRO A 183 5.12 11.57 15.69
C PRO A 183 6.45 11.31 14.93
N HIS A 184 6.56 10.09 14.39
CA HIS A 184 7.82 9.55 13.85
C HIS A 184 7.99 10.00 12.39
N ALA A 185 6.99 10.62 11.77
CA ALA A 185 7.04 11.07 10.35
C ALA A 185 8.32 11.88 10.06
N ALA A 186 8.66 12.79 10.96
CA ALA A 186 9.88 13.62 10.90
C ALA A 186 11.13 12.75 10.69
N LEU A 187 11.06 11.42 10.90
CA LEU A 187 12.20 10.51 10.60
C LEU A 187 12.68 10.72 9.16
N PHE A 188 11.79 10.97 8.20
CA PHE A 188 12.14 10.95 6.76
C PHE A 188 13.00 12.19 6.45
N ASP A 189 12.84 13.23 7.27
CA ASP A 189 13.62 14.48 7.15
C ASP A 189 15.13 14.13 7.15
N SER A 190 15.60 13.11 7.86
CA SER A 190 16.99 12.62 7.88
C SER A 190 17.39 11.84 6.60
N TYR A 191 16.42 11.51 5.74
CA TYR A 191 16.58 10.74 4.48
C TYR A 191 16.02 11.56 3.31
N PRO A 192 16.74 12.63 2.90
CA PRO A 192 16.17 13.67 2.04
C PRO A 192 15.80 13.20 0.62
N HIS A 193 16.54 12.25 0.05
CA HIS A 193 16.21 11.55 -1.22
C HIS A 193 14.91 10.79 -1.02
N VAL A 194 14.89 9.77 -0.15
CA VAL A 194 13.62 9.12 0.29
C VAL A 194 12.52 10.17 0.51
N LYS A 195 12.80 11.29 1.16
CA LYS A 195 11.76 12.31 1.42
C LYS A 195 11.23 12.84 0.07
N ALA A 196 12.12 13.31 -0.83
CA ALA A 196 11.74 13.89 -2.12
C ALA A 196 10.88 12.87 -2.88
N TRP A 197 11.23 11.61 -2.82
CA TRP A 197 10.48 10.55 -3.52
C TRP A 197 9.08 10.45 -2.91
N TRP A 198 8.98 10.34 -1.60
CA TRP A 198 7.70 10.50 -0.86
C TRP A 198 6.92 11.77 -1.32
N ASP A 199 7.49 12.97 -1.25
CA ASP A 199 6.74 14.20 -1.64
C ASP A 199 6.25 14.08 -3.11
N ARG A 200 7.00 13.35 -3.97
CA ARG A 200 6.65 13.11 -5.41
C ARG A 200 5.36 12.30 -5.53
N LEU A 201 5.33 11.15 -4.85
CA LEU A 201 4.14 10.27 -4.70
C LEU A 201 2.95 11.04 -4.15
N MET A 202 3.11 11.85 -3.12
CA MET A 202 1.98 12.63 -2.55
C MET A 202 1.50 13.71 -3.53
N ALA A 203 2.17 13.92 -4.67
CA ALA A 203 1.86 15.03 -5.61
C ALA A 203 0.97 14.51 -6.74
N ARG A 204 0.91 13.17 -6.94
CA ARG A 204 0.17 12.50 -8.06
C ARG A 204 -1.33 12.56 -7.84
N PRO A 205 -2.14 12.96 -8.87
CA PRO A 205 -3.60 13.08 -8.69
C PRO A 205 -4.27 11.82 -8.11
N ALA A 206 -3.83 10.63 -8.50
CA ALA A 206 -4.38 9.35 -7.96
C ALA A 206 -4.11 9.21 -6.46
N VAL A 207 -2.92 9.59 -5.99
CA VAL A 207 -2.55 9.46 -4.56
C VAL A 207 -3.33 10.50 -3.74
N LYS A 208 -3.47 11.71 -4.27
CA LYS A 208 -4.12 12.83 -3.53
C LYS A 208 -5.54 12.37 -3.19
N LYS A 209 -6.12 11.58 -4.09
CA LYS A 209 -7.53 11.12 -4.06
C LYS A 209 -7.66 10.01 -3.01
N ILE A 210 -6.82 9.00 -3.11
CA ILE A 210 -6.88 7.86 -2.16
C ILE A 210 -6.56 8.36 -0.75
N ALA A 211 -5.55 9.21 -0.61
CA ALA A 211 -5.23 9.89 0.67
C ALA A 211 -6.49 10.46 1.29
N ALA A 212 -7.34 11.08 0.50
CA ALA A 212 -8.59 11.74 0.96
C ALA A 212 -9.48 10.69 1.62
N THR A 213 -9.46 9.45 1.13
CA THR A 213 -10.33 8.36 1.62
C THR A 213 -9.79 7.77 2.94
N MET A 214 -8.60 8.13 3.41
CA MET A 214 -7.96 7.46 4.57
C MET A 214 -7.98 8.35 5.81
N VAL A 215 -9.16 8.52 6.39
CA VAL A 215 -9.37 9.31 7.66
C VAL A 215 -10.40 8.59 8.57
N PRO A 216 -10.60 9.01 9.84
CA PRO A 216 -11.50 8.28 10.74
C PRO A 216 -12.95 8.67 10.46
N1 GSH B . -1.86 -10.14 2.62
CA1 GSH B . -3.21 -9.50 2.61
C1 GSH B . -3.32 -8.52 1.43
O11 GSH B . -2.28 -8.34 0.73
O12 GSH B . -4.44 -7.99 1.22
CB1 GSH B . -3.43 -8.84 3.97
CG1 GSH B . -4.80 -9.09 4.57
CD1 GSH B . -4.96 -8.48 5.95
OE1 GSH B . -4.12 -7.74 6.45
N2 GSH B . -6.05 -8.84 6.60
CA2 GSH B . -6.64 -8.02 7.63
C2 GSH B . -7.87 -8.70 8.25
O2 GSH B . -8.93 -8.66 7.65
CB2 GSH B . -7.00 -6.65 7.09
SG2 GSH B . -7.26 -5.38 8.36
N3 GSH B . -7.67 -9.38 9.39
CA3 GSH B . -8.76 -10.02 10.10
C3 GSH B . -8.51 -11.50 10.38
O31 GSH B . -8.86 -11.90 11.50
O32 GSH B . -8.00 -12.20 9.48
HN11 GSH B . -1.83 -10.84 3.20
HN12 GSH B . -1.23 -9.53 2.86
HA1 GSH B . -3.87 -10.21 2.49
HB12 GSH B . -3.30 -7.87 3.87
HB13 GSH B . -2.74 -9.18 4.59
HG12 GSH B . -4.95 -10.07 4.64
HG13 GSH B . -5.49 -8.73 3.97
HN2 GSH B . -6.43 -9.60 6.42
HA2 GSH B . -5.97 -7.90 8.34
HB22 GSH B . -7.82 -6.73 6.56
HB23 GSH B . -6.28 -6.35 6.49
HSG GSH B . -7.50 -4.46 7.62
HN3 GSH B . -6.86 -9.44 9.71
HA31 GSH B . -9.58 -9.94 9.58
HA32 GSH B . -8.90 -9.56 10.95
HN13 GSH B . -1.66 -10.44 1.78
#